data_6MT6
#
_entry.id   6MT6
#
_cell.length_a   50.880
_cell.length_b   81.789
_cell.length_c   110.192
_cell.angle_alpha   90.000
_cell.angle_beta   90.000
_cell.angle_gamma   90.000
#
_symmetry.space_group_name_H-M   'P 21 21 21'
#
loop_
_entity.id
_entity.type
_entity.pdbx_description
1 polymer 'HLA class I histocompatibility antigen, B-37 alpha chain'
2 polymer 'NP388 peptide'
3 polymer Beta-2-microglobulin
4 non-polymer 'ACETATE ION'
5 water water
#
loop_
_entity_poly.entity_id
_entity_poly.type
_entity_poly.pdbx_seq_one_letter_code
_entity_poly.pdbx_strand_id
1 'polypeptide(L)'
;GSHSMRYFHTSVSRPGRGEPRFISVGYVDDTQFVRFDSDAASPRTEPRAPWIEQEGPEYWDRETQISKTNTQTYREDLRT
LLRYYNQSEAGSHTIQRMSGCDVGPDGRLLRGYNQFAYDGKDYIALNEDLSSWTAADTAAQITQRKWEAARVAEQDRAYL
EGTCVEWLRRYLENGKETLQRADPPKTHVTHHPISDHEATLRCWALGFYPAEITLTWQRDGEDQTQDTELVETRPAGDRT
FQKWAAVVVPSGEEQRYTCHVQHEGLPKPLTLRWEP
;
A
2 'polypeptide(L)' FEDLRVLSF B
3 'polypeptide(L)'
;MIQRTPKIQVYSRHPAENGKSNFLNCYVSGFHPSDIEVDLLKNGERIEKVEHSDLSFSKDWSFYLLYYTEFTPTEKDEYA
CRVNHVTLSQPKIVKWDRDM
;
C
#
loop_
_chem_comp.id
_chem_comp.type
_chem_comp.name
_chem_comp.formula
ACT non-polymer 'ACETATE ION' 'C2 H3 O2 -1'
#
# COMPACT_ATOMS: atom_id res chain seq x y z
N GLY A 1 -19.86 -1.59 -6.42
CA GLY A 1 -19.86 -0.19 -6.01
C GLY A 1 -18.91 0.66 -6.82
N SER A 2 -18.21 1.58 -6.13
CA SER A 2 -17.24 2.48 -6.75
CA SER A 2 -17.24 2.49 -6.73
C SER A 2 -15.87 1.81 -6.85
N HIS A 3 -15.05 2.28 -7.80
CA HIS A 3 -13.76 1.65 -8.01
C HIS A 3 -12.73 2.69 -8.35
N SER A 4 -11.46 2.30 -8.23
CA SER A 4 -10.32 3.17 -8.51
C SER A 4 -9.27 2.48 -9.32
N MET A 5 -8.52 3.25 -10.09
CA MET A 5 -7.30 2.79 -10.70
C MET A 5 -6.22 3.75 -10.26
N ARG A 6 -5.06 3.23 -9.90
CA ARG A 6 -3.93 4.06 -9.49
C ARG A 6 -2.64 3.50 -10.03
N TYR A 7 -1.75 4.39 -10.43
CA TYR A 7 -0.36 4.06 -10.76
C TYR A 7 0.53 4.78 -9.78
N PHE A 8 1.46 4.05 -9.16
CA PHE A 8 2.39 4.54 -8.16
C PHE A 8 3.79 4.48 -8.74
N HIS A 9 4.43 5.64 -8.91
CA HIS A 9 5.80 5.73 -9.44
C HIS A 9 6.74 6.12 -8.34
N THR A 10 7.88 5.43 -8.25
CA THR A 10 8.94 5.77 -7.31
C THR A 10 10.25 5.82 -8.10
N SER A 11 11.01 6.92 -7.98
CA SER A 11 12.34 7.04 -8.59
C SER A 11 13.27 7.47 -7.45
N VAL A 12 14.41 6.79 -7.30
CA VAL A 12 15.30 7.03 -6.19
C VAL A 12 16.73 7.18 -6.68
N SER A 13 17.38 8.32 -6.41
CA SER A 13 18.78 8.46 -6.81
C SER A 13 19.70 7.74 -5.81
N ARG A 14 20.88 7.38 -6.33
CA ARG A 14 21.87 6.63 -5.56
C ARG A 14 23.27 7.03 -6.03
N PRO A 15 23.68 8.28 -5.75
CA PRO A 15 24.97 8.76 -6.27
C PRO A 15 26.13 7.81 -5.97
N GLY A 16 26.89 7.54 -7.01
CA GLY A 16 28.04 6.63 -6.89
C GLY A 16 27.66 5.18 -7.10
N ARG A 17 26.36 4.87 -7.29
CA ARG A 17 25.83 3.52 -7.44
C ARG A 17 24.96 3.45 -8.70
N GLY A 18 25.36 4.11 -9.77
CA GLY A 18 24.64 4.12 -11.04
C GLY A 18 23.50 5.13 -11.06
N GLU A 19 22.58 4.93 -11.99
CA GLU A 19 21.48 5.85 -12.27
C GLU A 19 20.26 5.54 -11.39
N PRO A 20 19.35 6.52 -11.22
CA PRO A 20 18.20 6.27 -10.35
C PRO A 20 17.26 5.17 -10.84
N ARG A 21 16.93 4.25 -9.93
CA ARG A 21 15.98 3.19 -10.25
C ARG A 21 14.56 3.78 -10.39
N PHE A 22 13.80 3.25 -11.30
CA PHE A 22 12.39 3.64 -11.50
C PHE A 22 11.54 2.39 -11.38
N ILE A 23 10.46 2.50 -10.56
CA ILE A 23 9.44 1.47 -10.38
CA ILE A 23 9.46 1.47 -10.50
C ILE A 23 8.09 2.08 -10.68
N SER A 24 7.26 1.38 -11.46
CA SER A 24 5.87 1.75 -11.66
C SER A 24 5.05 0.53 -11.31
N VAL A 25 4.05 0.68 -10.42
CA VAL A 25 3.07 -0.38 -10.14
C VAL A 25 1.70 0.15 -10.39
N GLY A 26 0.81 -0.68 -10.94
CA GLY A 26 -0.57 -0.30 -11.18
C GLY A 26 -1.51 -1.15 -10.35
N TYR A 27 -2.60 -0.51 -9.86
CA TYR A 27 -3.64 -1.16 -9.04
C TYR A 27 -5.00 -0.83 -9.58
N VAL A 28 -5.92 -1.78 -9.43
CA VAL A 28 -7.36 -1.50 -9.50
C VAL A 28 -7.83 -1.80 -8.08
N ASP A 29 -8.43 -0.81 -7.39
CA ASP A 29 -8.78 -0.97 -5.98
C ASP A 29 -7.57 -1.47 -5.22
N ASP A 30 -7.66 -2.55 -4.46
CA ASP A 30 -6.53 -3.07 -3.69
C ASP A 30 -5.84 -4.24 -4.35
N THR A 31 -5.97 -4.35 -5.69
CA THR A 31 -5.39 -5.44 -6.46
C THR A 31 -4.31 -4.86 -7.39
N GLN A 32 -3.07 -5.27 -7.18
CA GLN A 32 -2.00 -4.89 -8.09
C GLN A 32 -2.14 -5.69 -9.37
N PHE A 33 -1.91 -5.10 -10.54
CA PHE A 33 -2.07 -5.85 -11.77
C PHE A 33 -0.89 -5.73 -12.72
N VAL A 34 0.01 -4.74 -12.52
CA VAL A 34 1.18 -4.55 -13.39
CA VAL A 34 1.18 -4.55 -13.39
CA VAL A 34 1.18 -4.57 -13.39
C VAL A 34 2.37 -4.03 -12.59
N ARG A 35 3.56 -4.29 -13.09
CA ARG A 35 4.78 -3.76 -12.52
C ARG A 35 5.78 -3.53 -13.63
N PHE A 36 6.71 -2.59 -13.37
CA PHE A 36 7.89 -2.35 -14.21
C PHE A 36 8.98 -1.95 -13.25
N ASP A 37 10.20 -2.48 -13.41
CA ASP A 37 11.31 -2.14 -12.54
C ASP A 37 12.55 -1.96 -13.43
N SER A 38 13.15 -0.76 -13.45
CA SER A 38 14.30 -0.50 -14.29
C SER A 38 15.54 -1.29 -13.82
N ASP A 39 15.56 -1.84 -12.62
CA ASP A 39 16.70 -2.65 -12.15
C ASP A 39 16.58 -4.10 -12.52
N ALA A 40 15.44 -4.54 -13.08
CA ALA A 40 15.31 -5.94 -13.47
C ALA A 40 16.35 -6.24 -14.56
N ALA A 41 16.84 -7.51 -14.64
CA ALA A 41 17.83 -7.88 -15.66
C ALA A 41 17.35 -7.51 -17.07
N SER A 42 16.05 -7.67 -17.35
CA SER A 42 15.46 -7.32 -18.63
C SER A 42 14.17 -6.52 -18.35
N PRO A 43 14.25 -5.19 -18.11
CA PRO A 43 13.03 -4.45 -17.73
C PRO A 43 11.91 -4.58 -18.73
N ARG A 44 10.74 -4.89 -18.21
CA ARG A 44 9.56 -5.06 -19.02
C ARG A 44 8.34 -4.82 -18.11
N THR A 45 7.25 -4.29 -18.69
CA THR A 45 5.98 -4.22 -17.96
C THR A 45 5.47 -5.64 -17.88
N GLU A 46 5.19 -6.10 -16.67
CA GLU A 46 4.79 -7.49 -16.46
C GLU A 46 3.45 -7.59 -15.79
N PRO A 47 2.68 -8.67 -16.08
CA PRO A 47 1.37 -8.87 -15.44
C PRO A 47 1.54 -9.30 -14.00
N ARG A 48 0.61 -8.89 -13.12
CA ARG A 48 0.62 -9.26 -11.70
C ARG A 48 -0.76 -9.74 -11.23
N ALA A 49 -1.71 -9.83 -12.13
CA ALA A 49 -3.05 -10.34 -11.85
C ALA A 49 -3.49 -11.18 -13.03
N PRO A 50 -4.30 -12.24 -12.82
CA PRO A 50 -4.66 -13.11 -13.95
C PRO A 50 -5.47 -12.45 -15.06
N TRP A 51 -6.35 -11.48 -14.73
CA TRP A 51 -7.23 -10.86 -15.69
C TRP A 51 -6.55 -9.87 -16.66
N ILE A 52 -5.29 -9.48 -16.41
CA ILE A 52 -4.57 -8.59 -17.31
C ILE A 52 -3.78 -9.42 -18.32
N GLU A 53 -3.62 -10.73 -18.07
CA GLU A 53 -2.77 -11.55 -18.95
C GLU A 53 -3.25 -11.64 -20.37
N GLN A 54 -4.55 -11.47 -20.59
CA GLN A 54 -5.19 -11.50 -21.89
C GLN A 54 -4.84 -10.30 -22.77
N GLU A 55 -4.26 -9.21 -22.20
CA GLU A 55 -3.87 -8.11 -23.06
C GLU A 55 -2.80 -8.59 -24.04
N GLY A 56 -2.95 -8.14 -25.27
CA GLY A 56 -2.08 -8.53 -26.39
C GLY A 56 -0.68 -7.94 -26.33
N PRO A 57 0.19 -8.42 -27.25
CA PRO A 57 1.57 -7.96 -27.28
C PRO A 57 1.73 -6.47 -27.38
N GLU A 58 0.84 -5.76 -28.08
CA GLU A 58 0.91 -4.31 -28.25
C GLU A 58 0.76 -3.62 -26.89
N TYR A 59 -0.04 -4.18 -25.98
CA TYR A 59 -0.21 -3.58 -24.66
C TYR A 59 1.11 -3.61 -23.93
N TRP A 60 1.75 -4.77 -23.86
CA TRP A 60 3.00 -4.96 -23.14
C TRP A 60 4.13 -4.18 -23.76
N ASP A 61 4.20 -4.17 -25.10
CA ASP A 61 5.25 -3.42 -25.79
C ASP A 61 5.09 -1.93 -25.56
N ARG A 62 3.88 -1.40 -25.70
CA ARG A 62 3.64 0.03 -25.53
C ARG A 62 3.94 0.45 -24.08
N GLU A 63 3.42 -0.29 -23.09
CA GLU A 63 3.65 0.06 -21.66
C GLU A 63 5.10 -0.06 -21.29
N THR A 64 5.84 -1.03 -21.87
CA THR A 64 7.25 -1.15 -21.57
C THR A 64 7.99 0.09 -22.10
N GLN A 65 7.70 0.51 -23.32
CA GLN A 65 8.37 1.69 -23.86
C GLN A 65 8.02 2.94 -23.05
N ILE A 66 6.75 3.05 -22.64
CA ILE A 66 6.35 4.21 -21.83
C ILE A 66 7.12 4.23 -20.53
N SER A 67 7.30 3.09 -19.87
CA SER A 67 8.03 3.07 -18.63
C SER A 67 9.52 3.30 -18.82
N LYS A 68 10.09 2.83 -19.94
CA LYS A 68 11.51 3.10 -20.21
C LYS A 68 11.73 4.60 -20.44
N THR A 69 10.82 5.27 -21.16
CA THR A 69 10.94 6.71 -21.36
C THR A 69 10.69 7.44 -20.03
N ASN A 70 9.65 7.04 -19.26
CA ASN A 70 9.38 7.64 -17.96
C ASN A 70 10.60 7.50 -17.03
N THR A 71 11.34 6.37 -17.09
CA THR A 71 12.53 6.20 -16.25
C THR A 71 13.46 7.41 -16.49
N GLN A 72 13.69 7.74 -17.75
CA GLN A 72 14.56 8.85 -18.10
C GLN A 72 14.00 10.21 -17.63
N THR A 73 12.70 10.45 -17.78
CA THR A 73 12.09 11.70 -17.32
C THR A 73 12.31 11.89 -15.83
N TYR A 74 12.12 10.83 -15.04
CA TYR A 74 12.33 10.95 -13.60
C TYR A 74 13.81 11.23 -13.23
N ARG A 75 14.74 10.67 -14.02
CA ARG A 75 16.16 10.96 -13.78
C ARG A 75 16.44 12.44 -14.09
N GLU A 76 15.84 12.97 -15.12
CA GLU A 76 15.95 14.41 -15.41
C GLU A 76 15.35 15.23 -14.27
N ASP A 77 14.19 14.80 -13.75
CA ASP A 77 13.51 15.52 -12.65
C ASP A 77 14.32 15.49 -11.39
N LEU A 78 15.00 14.37 -11.09
CA LEU A 78 15.86 14.34 -9.91
C LEU A 78 17.01 15.36 -10.07
N ARG A 79 17.59 15.45 -11.25
CA ARG A 79 18.65 16.46 -11.46
C ARG A 79 18.05 17.85 -11.31
N THR A 80 16.87 18.10 -11.86
CA THR A 80 16.23 19.42 -11.75
C THR A 80 16.02 19.81 -10.30
N LEU A 81 15.51 18.88 -9.46
CA LEU A 81 15.20 19.26 -8.09
C LEU A 81 16.44 19.52 -7.26
N LEU A 82 17.59 18.91 -7.62
CA LEU A 82 18.82 19.32 -6.92
C LEU A 82 19.08 20.80 -7.18
N ARG A 83 18.83 21.28 -8.38
CA ARG A 83 19.01 22.71 -8.64
C ARG A 83 17.96 23.52 -7.89
N TYR A 84 16.68 23.15 -8.00
CA TYR A 84 15.60 23.98 -7.43
C TYR A 84 15.71 24.10 -5.91
N TYR A 85 16.26 23.08 -5.23
CA TYR A 85 16.43 23.08 -3.78
C TYR A 85 17.85 23.37 -3.35
N ASN A 86 18.73 23.75 -4.29
CA ASN A 86 20.12 24.11 -3.95
C ASN A 86 20.82 22.97 -3.18
N GLN A 87 20.64 21.72 -3.64
CA GLN A 87 21.19 20.55 -2.97
C GLN A 87 22.43 20.02 -3.67
N SER A 88 23.28 19.33 -2.90
CA SER A 88 24.49 18.76 -3.48
C SER A 88 24.22 17.49 -4.30
N GLU A 89 25.19 17.07 -5.09
CA GLU A 89 25.04 15.83 -5.84
C GLU A 89 25.39 14.58 -4.99
N ALA A 90 25.65 14.75 -3.69
CA ALA A 90 26.03 13.68 -2.77
C ALA A 90 24.91 12.85 -2.16
N GLY A 91 23.72 13.44 -2.01
CA GLY A 91 22.68 12.70 -1.33
C GLY A 91 21.70 11.92 -2.19
N SER A 92 21.03 10.96 -1.58
CA SER A 92 20.00 10.17 -2.25
CA SER A 92 19.98 10.16 -2.25
C SER A 92 18.66 10.90 -2.08
N HIS A 93 17.90 10.98 -3.15
CA HIS A 93 16.59 11.67 -3.09
C HIS A 93 15.57 10.83 -3.80
N THR A 94 14.28 11.13 -3.54
CA THR A 94 13.19 10.34 -4.10
C THR A 94 12.13 11.23 -4.72
N ILE A 95 11.63 10.86 -5.92
CA ILE A 95 10.42 11.46 -6.47
C ILE A 95 9.36 10.36 -6.50
N GLN A 96 8.15 10.70 -6.08
CA GLN A 96 7.00 9.80 -6.18
C GLN A 96 5.89 10.48 -6.94
N ARG A 97 5.07 9.69 -7.62
CA ARG A 97 3.87 10.17 -8.26
C ARG A 97 2.75 9.18 -8.03
N MET A 98 1.55 9.72 -7.77
CA MET A 98 0.35 8.89 -7.81
CA MET A 98 0.30 8.94 -7.73
C MET A 98 -0.59 9.54 -8.81
N SER A 99 -1.14 8.71 -9.71
CA SER A 99 -2.13 9.19 -10.66
CA SER A 99 -2.01 9.13 -10.82
C SER A 99 -3.17 8.14 -10.91
N GLY A 100 -4.34 8.60 -11.36
CA GLY A 100 -5.41 7.63 -11.63
C GLY A 100 -6.75 8.28 -11.48
N CYS A 101 -7.77 7.44 -11.38
CA CYS A 101 -9.15 7.89 -11.41
C CYS A 101 -10.02 7.05 -10.55
N ASP A 102 -11.12 7.65 -10.07
CA ASP A 102 -12.17 6.97 -9.34
C ASP A 102 -13.42 7.03 -10.22
N VAL A 103 -14.18 5.93 -10.27
CA VAL A 103 -15.46 5.85 -11.00
C VAL A 103 -16.53 5.35 -10.06
N GLY A 104 -17.78 5.75 -10.34
CA GLY A 104 -18.92 5.27 -9.55
C GLY A 104 -19.43 3.93 -10.08
N PRO A 105 -20.57 3.42 -9.51
CA PRO A 105 -21.11 2.13 -9.94
C PRO A 105 -21.52 2.04 -11.41
N ASP A 106 -21.86 3.18 -12.02
CA ASP A 106 -22.21 3.34 -13.43
C ASP A 106 -20.97 3.53 -14.33
N GLY A 107 -19.78 3.59 -13.72
CA GLY A 107 -18.55 3.77 -14.47
C GLY A 107 -18.24 5.22 -14.82
N ARG A 108 -19.03 6.16 -14.30
CA ARG A 108 -18.78 7.57 -14.58
C ARG A 108 -17.62 8.11 -13.71
N LEU A 109 -16.84 9.02 -14.27
CA LEU A 109 -15.74 9.66 -13.54
C LEU A 109 -16.23 10.35 -12.25
N LEU A 110 -15.63 10.02 -11.11
CA LEU A 110 -15.91 10.67 -9.85
C LEU A 110 -14.84 11.75 -9.68
N ARG A 111 -13.55 11.39 -9.89
CA ARG A 111 -12.46 12.35 -9.86
C ARG A 111 -11.18 11.76 -10.35
N GLY A 112 -10.28 12.61 -10.76
CA GLY A 112 -8.96 12.23 -11.22
C GLY A 112 -7.87 12.74 -10.29
N TYR A 113 -6.68 12.17 -10.43
CA TYR A 113 -5.50 12.54 -9.61
C TYR A 113 -4.27 12.51 -10.44
N ASN A 114 -3.36 13.47 -10.14
CA ASN A 114 -2.01 13.49 -10.69
C ASN A 114 -1.17 14.30 -9.73
N GLN A 115 -0.47 13.66 -8.81
CA GLN A 115 0.25 14.40 -7.78
C GLN A 115 1.61 13.79 -7.52
N PHE A 116 2.54 14.66 -7.07
CA PHE A 116 3.92 14.32 -6.92
C PHE A 116 4.46 14.72 -5.57
N ALA A 117 5.51 14.03 -5.14
CA ALA A 117 6.22 14.32 -3.90
C ALA A 117 7.72 14.26 -4.16
N TYR A 118 8.47 15.02 -3.37
CA TYR A 118 9.93 14.99 -3.37
C TYR A 118 10.37 14.73 -1.95
N ASP A 119 11.21 13.69 -1.75
CA ASP A 119 11.67 13.30 -0.42
C ASP A 119 10.49 13.13 0.56
N GLY A 120 9.39 12.58 0.06
CA GLY A 120 8.24 12.23 0.89
C GLY A 120 7.33 13.37 1.25
N LYS A 121 7.58 14.56 0.70
CA LYS A 121 6.74 15.73 0.95
C LYS A 121 6.06 16.15 -0.32
N ASP A 122 4.83 16.66 -0.20
CA ASP A 122 4.11 17.17 -1.36
C ASP A 122 4.98 18.11 -2.16
N TYR A 123 4.93 17.98 -3.50
CA TYR A 123 5.68 18.85 -4.42
C TYR A 123 4.67 19.64 -5.23
N ILE A 124 3.97 18.97 -6.17
CA ILE A 124 2.94 19.64 -6.99
C ILE A 124 1.82 18.65 -7.18
N ALA A 125 0.59 19.16 -7.23
CA ALA A 125 -0.58 18.30 -7.39
C ALA A 125 -1.55 18.97 -8.36
N LEU A 126 -2.15 18.18 -9.25
CA LEU A 126 -3.25 18.67 -10.06
C LEU A 126 -4.48 18.77 -9.15
N ASN A 127 -5.15 19.96 -9.16
CA ASN A 127 -6.35 20.12 -8.36
C ASN A 127 -7.50 19.29 -8.92
N GLU A 128 -8.54 19.13 -8.10
CA GLU A 128 -9.72 18.33 -8.49
C GLU A 128 -10.39 18.84 -9.79
N ASP A 129 -10.24 20.13 -10.08
CA ASP A 129 -10.79 20.67 -11.31
C ASP A 129 -10.09 20.17 -12.57
N LEU A 130 -8.89 19.53 -12.41
CA LEU A 130 -8.08 19.01 -13.53
C LEU A 130 -7.65 20.14 -14.45
N SER A 131 -7.57 21.37 -13.86
CA SER A 131 -7.23 22.53 -14.66
CA SER A 131 -7.24 22.54 -14.66
C SER A 131 -6.23 23.47 -14.00
N SER A 132 -5.96 23.30 -12.70
CA SER A 132 -5.02 24.19 -11.99
C SER A 132 -4.17 23.33 -11.09
N TRP A 133 -3.10 23.90 -10.55
CA TRP A 133 -2.12 23.19 -9.74
C TRP A 133 -1.99 23.76 -8.37
N THR A 134 -1.65 22.90 -7.40
CA THR A 134 -1.24 23.33 -6.07
C THR A 134 0.23 23.02 -5.95
N ALA A 135 1.08 24.05 -5.83
CA ALA A 135 2.53 23.94 -5.63
C ALA A 135 2.82 24.07 -4.13
N ALA A 136 3.59 23.16 -3.56
CA ALA A 136 3.86 23.17 -2.12
C ALA A 136 4.82 24.27 -1.69
N ASP A 137 5.66 24.78 -2.57
CA ASP A 137 6.72 25.72 -2.18
C ASP A 137 7.22 26.46 -3.39
N THR A 138 8.21 27.37 -3.22
CA THR A 138 8.66 28.18 -4.35
C THR A 138 9.38 27.39 -5.43
N ALA A 139 9.99 26.23 -5.10
CA ALA A 139 10.59 25.35 -6.10
C ALA A 139 9.48 24.76 -7.02
N ALA A 140 8.41 24.23 -6.39
CA ALA A 140 7.30 23.68 -7.17
C ALA A 140 6.58 24.74 -7.97
N GLN A 141 6.63 26.02 -7.51
CA GLN A 141 6.04 27.10 -8.31
C GLN A 141 6.79 27.28 -9.65
N ILE A 142 8.09 26.93 -9.73
CA ILE A 142 8.82 27.00 -10.99
C ILE A 142 8.24 25.96 -11.95
N THR A 143 8.00 24.72 -11.44
CA THR A 143 7.34 23.69 -12.26
C THR A 143 5.92 24.16 -12.62
N GLN A 144 5.18 24.76 -11.67
CA GLN A 144 3.85 25.22 -11.98
C GLN A 144 3.87 26.22 -13.16
N ARG A 145 4.81 27.20 -13.14
CA ARG A 145 4.86 28.18 -14.22
C ARG A 145 5.16 27.49 -15.55
N LYS A 146 6.09 26.51 -15.55
CA LYS A 146 6.45 25.77 -16.75
C LYS A 146 5.24 24.98 -17.28
N TRP A 147 4.50 24.35 -16.35
CA TRP A 147 3.35 23.52 -16.72
C TRP A 147 2.13 24.33 -17.15
N GLU A 148 1.98 25.52 -16.59
CA GLU A 148 0.93 26.43 -17.05
C GLU A 148 1.26 26.92 -18.47
N ALA A 149 2.53 27.24 -18.72
CA ALA A 149 2.92 27.76 -20.04
C ALA A 149 2.71 26.71 -21.12
N ALA A 150 2.99 25.43 -20.81
CA ALA A 150 2.86 24.33 -21.73
C ALA A 150 1.46 23.70 -21.74
N ARG A 151 0.51 24.21 -20.96
CA ARG A 151 -0.85 23.67 -20.87
C ARG A 151 -0.85 22.14 -20.56
N VAL A 152 -0.02 21.76 -19.59
CA VAL A 152 0.08 20.37 -19.14
C VAL A 152 -1.24 19.86 -18.57
N ALA A 153 -1.94 20.68 -17.77
CA ALA A 153 -3.16 20.23 -17.13
C ALA A 153 -4.18 19.75 -18.15
N GLU A 154 -4.26 20.40 -19.32
CA GLU A 154 -5.23 19.98 -20.33
C GLU A 154 -4.94 18.58 -20.81
N GLN A 155 -3.66 18.25 -20.97
CA GLN A 155 -3.24 16.93 -21.40
C GLN A 155 -3.50 15.88 -20.31
N ASP A 156 -3.23 16.22 -19.05
CA ASP A 156 -3.50 15.30 -17.94
C ASP A 156 -5.01 15.07 -17.82
N ARG A 157 -5.82 16.13 -17.98
CA ARG A 157 -7.27 16.03 -17.91
C ARG A 157 -7.76 15.07 -19.00
N ALA A 158 -7.23 15.16 -20.22
CA ALA A 158 -7.66 14.29 -21.31
C ALA A 158 -7.39 12.81 -20.99
N TYR A 159 -6.23 12.48 -20.38
CA TYR A 159 -5.93 11.11 -19.98
C TYR A 159 -6.88 10.70 -18.87
N LEU A 160 -7.08 11.54 -17.85
CA LEU A 160 -7.88 11.14 -16.70
C LEU A 160 -9.37 10.92 -17.03
N GLU A 161 -9.92 11.72 -17.95
CA GLU A 161 -11.34 11.63 -18.33
C GLU A 161 -11.57 10.58 -19.41
N GLY A 162 -10.55 10.28 -20.20
CA GLY A 162 -10.69 9.36 -21.33
C GLY A 162 -10.04 8.04 -21.01
N THR A 163 -8.76 7.89 -21.37
CA THR A 163 -8.01 6.66 -21.17
C THR A 163 -8.17 6.03 -19.80
N CYS A 164 -8.03 6.79 -18.73
CA CYS A 164 -8.07 6.22 -17.41
C CYS A 164 -9.41 5.56 -17.12
N VAL A 165 -10.49 6.27 -17.40
CA VAL A 165 -11.80 5.69 -17.09
CA VAL A 165 -11.86 5.79 -17.17
C VAL A 165 -12.15 4.57 -18.06
N GLU A 166 -11.77 4.66 -19.33
CA GLU A 166 -12.07 3.60 -20.29
C GLU A 166 -11.32 2.32 -19.95
N TRP A 167 -10.04 2.41 -19.59
CA TRP A 167 -9.32 1.20 -19.26
C TRP A 167 -9.76 0.65 -17.91
N LEU A 168 -10.09 1.51 -16.93
CA LEU A 168 -10.59 0.96 -15.66
C LEU A 168 -11.91 0.19 -15.92
N ARG A 169 -12.80 0.72 -16.78
CA ARG A 169 -14.05 0.00 -17.06
CA ARG A 169 -14.05 0.01 -17.10
C ARG A 169 -13.74 -1.36 -17.70
N ARG A 170 -12.75 -1.42 -18.60
CA ARG A 170 -12.37 -2.67 -19.24
C ARG A 170 -11.82 -3.66 -18.24
N TYR A 171 -10.92 -3.22 -17.38
CA TYR A 171 -10.35 -4.09 -16.37
C TYR A 171 -11.43 -4.63 -15.44
N LEU A 172 -12.35 -3.78 -15.02
CA LEU A 172 -13.42 -4.23 -14.12
C LEU A 172 -14.25 -5.33 -14.76
N GLU A 173 -14.51 -5.23 -16.07
CA GLU A 173 -15.25 -6.26 -16.79
C GLU A 173 -14.40 -7.53 -16.90
N ASN A 174 -13.16 -7.41 -17.35
CA ASN A 174 -12.31 -8.58 -17.50
C ASN A 174 -12.01 -9.30 -16.19
N GLY A 175 -11.92 -8.55 -15.09
CA GLY A 175 -11.68 -9.10 -13.77
C GLY A 175 -12.92 -9.13 -12.91
N LYS A 176 -14.14 -9.18 -13.52
CA LYS A 176 -15.40 -9.13 -12.77
CA LYS A 176 -15.35 -9.08 -12.71
C LYS A 176 -15.48 -10.16 -11.62
N GLU A 177 -14.94 -11.36 -11.83
CA GLU A 177 -15.02 -12.42 -10.83
C GLU A 177 -14.40 -12.03 -9.49
N THR A 178 -13.33 -11.23 -9.52
CA THR A 178 -12.56 -10.86 -8.32
C THR A 178 -12.67 -9.40 -8.00
N LEU A 179 -12.50 -8.52 -8.98
CA LEU A 179 -12.56 -7.08 -8.72
C LEU A 179 -13.92 -6.65 -8.26
N GLN A 180 -14.99 -7.34 -8.72
CA GLN A 180 -16.35 -7.01 -8.35
C GLN A 180 -16.91 -7.98 -7.31
N ARG A 181 -16.05 -8.60 -6.53
CA ARG A 181 -16.48 -9.48 -5.43
C ARG A 181 -15.91 -8.92 -4.14
N ALA A 182 -16.76 -8.63 -3.17
CA ALA A 182 -16.34 -8.25 -1.83
C ALA A 182 -16.35 -9.51 -0.97
N ASP A 183 -15.24 -9.77 -0.26
CA ASP A 183 -15.16 -10.89 0.66
C ASP A 183 -15.34 -10.30 2.06
N PRO A 184 -16.41 -10.65 2.79
CA PRO A 184 -16.61 -10.08 4.12
C PRO A 184 -15.59 -10.61 5.10
N PRO A 185 -15.34 -9.86 6.18
CA PRO A 185 -14.42 -10.35 7.20
C PRO A 185 -15.00 -11.52 8.00
N LYS A 186 -14.15 -12.44 8.38
CA LYS A 186 -14.41 -13.54 9.31
C LYS A 186 -13.93 -12.92 10.64
N THR A 187 -14.81 -12.85 11.63
CA THR A 187 -14.54 -12.13 12.88
C THR A 187 -14.60 -13.02 14.10
N HIS A 188 -13.80 -12.69 15.13
CA HIS A 188 -13.84 -13.35 16.43
C HIS A 188 -13.18 -12.45 17.44
N VAL A 189 -13.50 -12.67 18.71
CA VAL A 189 -12.92 -11.96 19.84
C VAL A 189 -12.11 -12.92 20.67
N THR A 190 -10.88 -12.55 20.99
CA THR A 190 -10.02 -13.31 21.90
C THR A 190 -9.88 -12.55 23.22
N HIS A 191 -9.49 -13.28 24.26
CA HIS A 191 -9.35 -12.73 25.61
C HIS A 191 -8.05 -13.23 26.18
N HIS A 192 -7.27 -12.33 26.74
CA HIS A 192 -6.01 -12.72 27.35
C HIS A 192 -5.85 -11.99 28.65
N PRO A 193 -5.81 -12.68 29.81
CA PRO A 193 -5.51 -11.96 31.07
C PRO A 193 -4.11 -11.35 31.02
N ILE A 194 -3.97 -10.13 31.53
CA ILE A 194 -2.70 -9.39 31.60
C ILE A 194 -2.20 -9.58 33.03
N SER A 195 -3.11 -9.60 33.98
CA SER A 195 -2.83 -9.69 35.42
C SER A 195 -4.11 -10.12 36.10
N ASP A 196 -4.13 -10.12 37.43
CA ASP A 196 -5.36 -10.42 38.15
C ASP A 196 -6.39 -9.29 37.99
N HIS A 197 -5.95 -8.11 37.59
CA HIS A 197 -6.79 -6.89 37.56
C HIS A 197 -7.34 -6.53 36.17
N GLU A 198 -6.69 -6.99 35.10
CA GLU A 198 -7.03 -6.60 33.74
C GLU A 198 -6.86 -7.73 32.78
N ALA A 199 -7.55 -7.59 31.63
CA ALA A 199 -7.44 -8.52 30.53
C ALA A 199 -7.52 -7.75 29.20
N THR A 200 -6.94 -8.32 28.15
CA THR A 200 -7.04 -7.74 26.83
C THR A 200 -8.18 -8.43 26.08
N LEU A 201 -9.03 -7.64 25.43
CA LEU A 201 -10.00 -8.17 24.46
C LEU A 201 -9.51 -7.73 23.08
N ARG A 202 -9.39 -8.68 22.15
CA ARG A 202 -8.91 -8.36 20.81
C ARG A 202 -9.95 -8.81 19.82
N CYS A 203 -10.39 -7.88 18.99
CA CYS A 203 -11.38 -8.12 17.97
C CYS A 203 -10.68 -8.28 16.66
N TRP A 204 -10.87 -9.42 16.03
CA TRP A 204 -10.20 -9.76 14.77
C TRP A 204 -11.12 -9.68 13.60
N ALA A 205 -10.58 -9.26 12.44
CA ALA A 205 -11.23 -9.34 11.13
C ALA A 205 -10.18 -9.95 10.19
N LEU A 206 -10.54 -11.06 9.52
CA LEU A 206 -9.66 -11.78 8.63
C LEU A 206 -10.33 -12.11 7.32
N GLY A 207 -9.52 -12.20 6.28
CA GLY A 207 -9.99 -12.70 4.98
C GLY A 207 -10.87 -11.77 4.20
N PHE A 208 -10.81 -10.45 4.44
CA PHE A 208 -11.70 -9.52 3.77
C PHE A 208 -11.06 -8.81 2.59
N TYR A 209 -11.88 -8.40 1.66
CA TYR A 209 -11.50 -7.65 0.47
C TYR A 209 -12.70 -6.81 0.07
N PRO A 210 -12.55 -5.51 -0.22
CA PRO A 210 -11.31 -4.73 -0.25
C PRO A 210 -10.79 -4.41 1.15
N ALA A 211 -9.69 -3.68 1.23
CA ALA A 211 -9.04 -3.40 2.49
C ALA A 211 -9.82 -2.48 3.41
N GLU A 212 -10.62 -1.56 2.88
CA GLU A 212 -11.36 -0.61 3.71
C GLU A 212 -12.26 -1.33 4.71
N ILE A 213 -12.14 -1.01 5.99
CA ILE A 213 -12.94 -1.62 7.04
C ILE A 213 -12.99 -0.66 8.21
N THR A 214 -14.02 -0.80 9.06
CA THR A 214 -14.11 -0.03 10.32
C THR A 214 -14.26 -1.06 11.42
N LEU A 215 -13.34 -1.03 12.38
CA LEU A 215 -13.33 -1.94 13.52
C LEU A 215 -13.22 -1.09 14.77
N THR A 216 -14.25 -1.14 15.63
CA THR A 216 -14.25 -0.30 16.84
C THR A 216 -14.72 -1.09 18.02
N TRP A 217 -14.30 -0.64 19.21
CA TRP A 217 -14.77 -1.18 20.48
C TRP A 217 -15.64 -0.12 21.16
N GLN A 218 -16.74 -0.56 21.78
CA GLN A 218 -17.58 0.29 22.62
C GLN A 218 -17.58 -0.29 24.02
N ARG A 219 -17.69 0.60 25.01
CA ARG A 219 -17.83 0.23 26.43
C ARG A 219 -19.15 0.83 26.85
N ASP A 220 -20.12 0.01 27.23
CA ASP A 220 -21.49 0.48 27.55
C ASP A 220 -22.06 1.34 26.39
N GLY A 221 -21.76 0.93 25.15
CA GLY A 221 -22.28 1.65 23.97
C GLY A 221 -21.56 2.92 23.59
N GLU A 222 -20.46 3.28 24.29
CA GLU A 222 -19.68 4.47 24.01
C GLU A 222 -18.39 4.09 23.29
N ASP A 223 -18.08 4.76 22.14
CA ASP A 223 -16.86 4.47 21.37
C ASP A 223 -15.61 4.68 22.24
N GLN A 224 -14.66 3.75 22.17
CA GLN A 224 -13.40 3.77 22.92
C GLN A 224 -12.21 4.16 22.07
N THR A 225 -12.38 5.12 21.15
CA THR A 225 -11.33 5.52 20.21
C THR A 225 -9.98 5.77 20.89
N GLN A 226 -9.96 6.60 21.94
CA GLN A 226 -8.72 6.93 22.64
C GLN A 226 -8.04 5.77 23.37
N ASP A 227 -8.81 4.76 23.78
CA ASP A 227 -8.32 3.62 24.56
C ASP A 227 -8.17 2.33 23.76
N THR A 228 -8.36 2.40 22.44
CA THR A 228 -8.24 1.21 21.58
C THR A 228 -6.87 1.17 20.89
N GLU A 229 -6.20 0.00 20.88
CA GLU A 229 -4.99 -0.21 20.10
C GLU A 229 -5.47 -0.80 18.76
N LEU A 230 -5.28 -0.06 17.66
CA LEU A 230 -5.77 -0.45 16.34
C LEU A 230 -4.57 -0.61 15.42
N VAL A 231 -4.29 -1.84 14.94
CA VAL A 231 -3.16 -2.04 14.03
C VAL A 231 -3.55 -1.63 12.61
N GLU A 232 -2.56 -1.29 11.80
CA GLU A 232 -2.82 -0.96 10.41
CA GLU A 232 -2.80 -0.96 10.40
C GLU A 232 -3.33 -2.19 9.68
N THR A 233 -4.29 -1.97 8.79
CA THR A 233 -4.81 -3.07 7.96
C THR A 233 -3.60 -3.65 7.18
N ARG A 234 -3.49 -4.96 7.12
CA ARG A 234 -2.32 -5.63 6.59
C ARG A 234 -2.70 -6.71 5.59
N PRO A 235 -1.87 -6.93 4.56
CA PRO A 235 -2.19 -7.94 3.55
C PRO A 235 -1.90 -9.37 4.01
N ALA A 236 -2.78 -10.31 3.71
CA ALA A 236 -2.52 -11.70 4.07
C ALA A 236 -1.61 -12.39 3.06
N GLY A 237 -1.59 -11.89 1.82
CA GLY A 237 -0.80 -12.48 0.73
C GLY A 237 -1.63 -13.34 -0.22
N ASP A 238 -2.92 -13.51 0.03
CA ASP A 238 -3.86 -14.31 -0.80
C ASP A 238 -4.97 -13.40 -1.38
N ARG A 239 -4.68 -12.08 -1.46
CA ARG A 239 -5.51 -10.95 -1.93
C ARG A 239 -6.26 -10.29 -0.74
N THR A 240 -6.48 -11.01 0.33
CA THR A 240 -7.30 -10.51 1.43
C THR A 240 -6.46 -9.73 2.42
N PHE A 241 -7.16 -9.11 3.38
CA PHE A 241 -6.57 -8.26 4.38
C PHE A 241 -7.01 -8.70 5.76
N GLN A 242 -6.25 -8.22 6.74
CA GLN A 242 -6.49 -8.54 8.14
C GLN A 242 -6.40 -7.27 8.98
N LYS A 243 -7.09 -7.23 10.12
CA LYS A 243 -6.98 -6.11 11.04
C LYS A 243 -7.44 -6.59 12.40
N TRP A 244 -6.92 -5.97 13.47
CA TRP A 244 -7.43 -6.21 14.82
C TRP A 244 -7.45 -4.92 15.58
N ALA A 245 -8.31 -4.90 16.62
CA ALA A 245 -8.47 -3.78 17.55
C ALA A 245 -8.52 -4.38 18.94
N ALA A 246 -7.74 -3.81 19.87
CA ALA A 246 -7.71 -4.35 21.23
C ALA A 246 -7.96 -3.28 22.28
N VAL A 247 -8.56 -3.72 23.38
CA VAL A 247 -8.84 -2.89 24.53
CA VAL A 247 -8.84 -2.89 24.56
C VAL A 247 -8.41 -3.64 25.79
N VAL A 248 -7.93 -2.87 26.78
CA VAL A 248 -7.53 -3.41 28.10
C VAL A 248 -8.72 -3.14 28.96
N VAL A 249 -9.29 -4.19 29.56
CA VAL A 249 -10.52 -4.08 30.31
C VAL A 249 -10.35 -4.51 31.76
N PRO A 250 -11.08 -3.89 32.69
CA PRO A 250 -11.02 -4.33 34.10
C PRO A 250 -11.61 -5.74 34.19
N SER A 251 -10.94 -6.62 34.97
CA SER A 251 -11.39 -7.99 35.13
C SER A 251 -12.83 -7.99 35.62
N GLY A 252 -13.66 -8.78 34.98
CA GLY A 252 -15.07 -8.88 35.31
C GLY A 252 -15.98 -7.93 34.56
N GLU A 253 -15.40 -7.03 33.72
CA GLU A 253 -16.21 -6.09 32.97
C GLU A 253 -16.25 -6.44 31.46
N GLU A 254 -15.77 -7.65 31.09
CA GLU A 254 -15.70 -8.01 29.66
C GLU A 254 -17.01 -7.88 28.91
N GLN A 255 -18.16 -8.19 29.56
CA GLN A 255 -19.42 -8.15 28.84
C GLN A 255 -19.97 -6.75 28.60
N ARG A 256 -19.30 -5.73 29.13
CA ARG A 256 -19.69 -4.36 28.88
C ARG A 256 -19.07 -3.87 27.56
N TYR A 257 -18.22 -4.70 26.92
CA TYR A 257 -17.52 -4.29 25.70
C TYR A 257 -18.10 -5.00 24.49
N THR A 258 -18.26 -4.24 23.43
CA THR A 258 -18.75 -4.81 22.17
C THR A 258 -17.88 -4.33 21.05
N CYS A 259 -17.60 -5.25 20.12
CA CYS A 259 -16.81 -4.90 18.93
C CYS A 259 -17.77 -4.69 17.74
N HIS A 260 -17.51 -3.67 16.94
CA HIS A 260 -18.37 -3.25 15.83
C HIS A 260 -17.57 -3.30 14.55
N VAL A 261 -18.11 -4.01 13.57
CA VAL A 261 -17.38 -4.21 12.28
C VAL A 261 -18.24 -3.73 11.12
N GLN A 262 -17.68 -2.86 10.27
CA GLN A 262 -18.36 -2.39 9.06
C GLN A 262 -17.45 -2.72 7.89
N HIS A 263 -18.01 -3.30 6.82
CA HIS A 263 -17.26 -3.64 5.62
C HIS A 263 -18.28 -3.75 4.50
N GLU A 264 -17.83 -3.43 3.28
CA GLU A 264 -18.63 -3.48 2.04
C GLU A 264 -19.29 -4.86 1.84
N GLY A 265 -18.62 -5.93 2.24
CA GLY A 265 -19.09 -7.30 2.10
C GLY A 265 -20.18 -7.67 3.09
N LEU A 266 -20.43 -6.82 4.11
CA LEU A 266 -21.44 -7.07 5.13
C LEU A 266 -22.69 -6.26 4.81
N PRO A 267 -23.86 -6.94 4.62
CA PRO A 267 -25.10 -6.19 4.36
C PRO A 267 -25.54 -5.34 5.54
N LYS A 268 -25.18 -5.79 6.76
CA LYS A 268 -25.48 -5.15 8.02
C LYS A 268 -24.20 -5.12 8.86
N PRO A 269 -23.88 -4.01 9.56
CA PRO A 269 -22.69 -4.02 10.44
C PRO A 269 -22.83 -5.08 11.53
N LEU A 270 -21.73 -5.66 11.95
CA LEU A 270 -21.74 -6.72 12.96
C LEU A 270 -21.42 -6.19 14.33
N THR A 271 -22.01 -6.80 15.36
CA THR A 271 -21.69 -6.54 16.76
C THR A 271 -21.22 -7.87 17.31
N LEU A 272 -20.04 -7.89 17.99
CA LEU A 272 -19.46 -9.12 18.56
C LEU A 272 -19.08 -8.85 19.98
N ARG A 273 -19.02 -9.90 20.78
CA ARG A 273 -18.61 -9.83 22.17
CA ARG A 273 -18.58 -9.81 22.17
C ARG A 273 -17.71 -11.01 22.44
N TRP A 274 -16.98 -10.97 23.56
CA TRP A 274 -16.21 -12.12 23.96
CA TRP A 274 -16.20 -12.07 24.06
C TRP A 274 -17.23 -13.18 24.37
N GLU A 275 -17.04 -14.38 23.82
CA GLU A 275 -17.96 -15.50 24.04
C GLU A 275 -17.23 -16.60 24.84
N PRO A 276 -17.22 -16.51 26.20
CA PRO A 276 -16.49 -17.51 26.99
C PRO A 276 -17.21 -18.86 27.05
N PHE B 1 -4.23 1.29 -18.05
CA PHE B 1 -3.18 1.76 -18.97
C PHE B 1 -2.63 3.12 -18.50
N GLU B 2 -1.33 3.27 -18.51
CA GLU B 2 -0.67 4.54 -18.16
C GLU B 2 0.04 5.10 -19.39
N ASP B 3 0.07 6.42 -19.49
CA ASP B 3 0.71 7.13 -20.60
C ASP B 3 2.09 7.65 -20.20
N LEU B 4 2.81 8.18 -21.17
CA LEU B 4 4.03 8.92 -20.89
C LEU B 4 3.71 10.09 -19.97
N ARG B 5 4.71 10.47 -19.14
CA ARG B 5 4.66 11.75 -18.44
C ARG B 5 4.48 12.83 -19.50
N VAL B 6 3.68 13.84 -19.21
CA VAL B 6 3.43 14.90 -20.18
C VAL B 6 4.66 15.78 -20.32
N LEU B 7 5.28 16.16 -19.19
CA LEU B 7 6.39 17.09 -19.25
C LEU B 7 7.24 16.97 -17.99
N SER B 8 8.54 17.15 -18.10
CA SER B 8 9.44 17.14 -16.97
C SER B 8 9.19 18.36 -16.04
N PHE B 9 9.65 18.27 -14.79
CA PHE B 9 9.59 19.38 -13.79
C PHE B 9 10.35 20.63 -14.23
N ILE C 2 14.38 14.82 6.95
CA ILE C 2 13.14 14.29 7.52
C ILE C 2 12.87 12.86 7.00
N GLN C 3 12.85 11.90 7.93
CA GLN C 3 12.70 10.47 7.63
C GLN C 3 11.61 9.87 8.51
N ARG C 4 11.06 8.70 8.11
CA ARG C 4 9.97 8.05 8.82
C ARG C 4 10.35 6.60 9.07
N THR C 5 10.23 6.16 10.34
CA THR C 5 10.64 4.82 10.73
C THR C 5 9.56 3.79 10.43
N PRO C 6 9.95 2.55 10.07
CA PRO C 6 8.92 1.56 9.73
C PRO C 6 8.11 1.07 10.91
N LYS C 7 6.84 0.83 10.67
CA LYS C 7 5.95 0.08 11.53
C LYS C 7 6.19 -1.37 11.05
N ILE C 8 6.12 -2.35 11.96
CA ILE C 8 6.43 -3.74 11.62
C ILE C 8 5.37 -4.64 12.21
N GLN C 9 4.77 -5.53 11.41
CA GLN C 9 3.83 -6.53 11.93
C GLN C 9 4.29 -7.87 11.41
N VAL C 10 4.32 -8.90 12.28
CA VAL C 10 4.71 -10.25 11.90
C VAL C 10 3.55 -11.16 12.23
N TYR C 11 3.12 -11.98 11.29
CA TYR C 11 1.87 -12.72 11.42
C TYR C 11 1.75 -13.78 10.38
N SER C 12 0.74 -14.62 10.49
CA SER C 12 0.56 -15.66 9.50
C SER C 12 -0.60 -15.36 8.54
N ARG C 13 -0.55 -15.94 7.34
CA ARG C 13 -1.61 -15.75 6.35
C ARG C 13 -2.94 -16.29 6.86
N HIS C 14 -2.89 -17.51 7.44
CA HIS C 14 -4.04 -18.20 8.00
C HIS C 14 -3.84 -18.37 9.52
N PRO C 15 -4.93 -18.62 10.32
CA PRO C 15 -4.72 -18.87 11.76
C PRO C 15 -3.72 -20.01 11.94
N ALA C 16 -2.77 -19.85 12.85
CA ALA C 16 -1.75 -20.88 13.03
C ALA C 16 -2.27 -22.18 13.62
N GLU C 17 -1.90 -23.30 12.99
CA GLU C 17 -2.23 -24.65 13.45
C GLU C 17 -0.93 -25.46 13.37
N ASN C 18 -0.47 -25.98 14.51
CA ASN C 18 0.77 -26.75 14.57
C ASN C 18 0.77 -27.94 13.61
N GLY C 19 1.79 -27.99 12.76
CA GLY C 19 1.94 -29.04 11.75
C GLY C 19 1.17 -28.81 10.45
N LYS C 20 0.57 -27.61 10.28
CA LYS C 20 -0.15 -27.28 9.06
C LYS C 20 0.61 -26.17 8.31
N SER C 21 0.92 -26.39 7.02
CA SER C 21 1.64 -25.43 6.18
C SER C 21 0.84 -24.13 6.09
N ASN C 22 1.56 -23.02 6.11
CA ASN C 22 0.98 -21.67 6.17
C ASN C 22 2.01 -20.72 5.54
N PHE C 23 1.81 -19.40 5.70
CA PHE C 23 2.78 -18.40 5.22
C PHE C 23 3.08 -17.46 6.36
N LEU C 24 4.36 -17.17 6.57
CA LEU C 24 4.82 -16.24 7.58
C LEU C 24 5.04 -14.92 6.85
N ASN C 25 4.44 -13.87 7.39
CA ASN C 25 4.47 -12.54 6.79
C ASN C 25 5.14 -11.56 7.71
N CYS C 26 5.89 -10.64 7.11
CA CYS C 26 6.40 -9.50 7.82
C CYS C 26 6.01 -8.30 6.96
N TYR C 27 5.13 -7.45 7.49
CA TYR C 27 4.63 -6.28 6.77
C TYR C 27 5.30 -5.06 7.36
N VAL C 28 6.03 -4.31 6.54
CA VAL C 28 6.70 -3.08 6.96
C VAL C 28 5.99 -1.94 6.26
N SER C 29 5.64 -0.89 7.00
CA SER C 29 4.88 0.22 6.38
C SER C 29 5.22 1.52 7.05
N GLY C 30 4.74 2.61 6.48
CA GLY C 30 4.92 3.92 7.09
C GLY C 30 6.31 4.49 7.05
N PHE C 31 7.20 3.95 6.22
CA PHE C 31 8.59 4.35 6.23
C PHE C 31 8.98 5.24 5.05
N HIS C 32 10.04 6.03 5.25
CA HIS C 32 10.59 6.88 4.21
C HIS C 32 12.04 7.19 4.64
N PRO C 33 13.07 6.99 3.82
CA PRO C 33 13.07 6.58 2.41
C PRO C 33 12.79 5.10 2.24
N SER C 34 12.72 4.67 0.98
CA SER C 34 12.28 3.32 0.65
C SER C 34 13.29 2.22 0.90
N ASP C 35 14.60 2.51 0.96
CA ASP C 35 15.55 1.43 1.20
C ASP C 35 15.35 0.84 2.59
N ILE C 36 15.25 -0.46 2.67
CA ILE C 36 14.98 -1.16 3.93
C ILE C 36 15.49 -2.58 3.79
N GLU C 37 15.91 -3.16 4.91
CA GLU C 37 16.42 -4.52 4.94
C GLU C 37 15.52 -5.32 5.83
N VAL C 38 14.97 -6.42 5.30
CA VAL C 38 14.08 -7.23 6.10
C VAL C 38 14.53 -8.69 5.97
N ASP C 39 14.66 -9.35 7.13
CA ASP C 39 14.92 -10.77 7.19
C ASP C 39 13.82 -11.47 7.98
N LEU C 40 13.47 -12.67 7.57
CA LEU C 40 12.59 -13.51 8.38
C LEU C 40 13.54 -14.51 9.05
N LEU C 41 13.28 -14.79 10.33
CA LEU C 41 14.15 -15.66 11.13
C LEU C 41 13.40 -16.85 11.64
N LYS C 42 14.08 -18.00 11.66
CA LYS C 42 13.58 -19.24 12.23
C LYS C 42 14.61 -19.62 13.31
N ASN C 43 14.21 -19.60 14.58
CA ASN C 43 15.09 -19.90 15.73
C ASN C 43 16.37 -19.06 15.67
N GLY C 44 16.20 -17.76 15.38
CA GLY C 44 17.28 -16.78 15.27
C GLY C 44 18.10 -16.76 13.99
N GLU C 45 17.89 -17.74 13.07
CA GLU C 45 18.66 -17.85 11.81
C GLU C 45 17.84 -17.36 10.61
N ARG C 46 18.49 -16.73 9.63
CA ARG C 46 17.82 -16.22 8.44
C ARG C 46 17.21 -17.30 7.57
N ILE C 47 15.95 -17.11 7.19
CA ILE C 47 15.27 -18.00 6.26
C ILE C 47 15.70 -17.54 4.85
N GLU C 48 16.12 -18.48 3.99
CA GLU C 48 16.60 -18.22 2.61
CA GLU C 48 16.57 -18.17 2.64
C GLU C 48 15.42 -18.06 1.65
N LYS C 49 15.63 -17.29 0.56
CA LYS C 49 14.68 -17.14 -0.56
C LYS C 49 13.30 -16.57 -0.17
N VAL C 50 13.25 -15.71 0.85
CA VAL C 50 12.00 -15.05 1.23
C VAL C 50 11.60 -14.14 0.05
N GLU C 51 10.30 -14.07 -0.27
CA GLU C 51 9.86 -13.23 -1.37
C GLU C 51 9.30 -11.93 -0.81
N HIS C 52 9.14 -10.92 -1.65
CA HIS C 52 8.55 -9.67 -1.21
C HIS C 52 7.71 -9.05 -2.32
N SER C 53 6.78 -8.20 -1.94
CA SER C 53 5.92 -7.50 -2.85
C SER C 53 6.70 -6.39 -3.56
N ASP C 54 6.10 -5.87 -4.61
CA ASP C 54 6.70 -4.75 -5.35
C ASP C 54 6.50 -3.44 -4.58
N LEU C 55 7.50 -2.59 -4.59
CA LEU C 55 7.45 -1.33 -3.85
C LEU C 55 6.28 -0.45 -4.24
N SER C 56 5.48 -0.05 -3.24
CA SER C 56 4.34 0.87 -3.40
C SER C 56 4.29 1.75 -2.17
N PHE C 57 3.35 2.65 -2.17
CA PHE C 57 3.22 3.60 -1.09
C PHE C 57 1.79 4.04 -0.89
N SER C 58 1.56 4.62 0.29
CA SER C 58 0.27 5.08 0.80
C SER C 58 0.01 6.53 0.41
N LYS C 59 -1.21 7.03 0.75
CA LYS C 59 -1.62 8.41 0.42
C LYS C 59 -0.69 9.45 1.03
N ASP C 60 -0.04 9.14 2.13
CA ASP C 60 0.90 10.06 2.77
C ASP C 60 2.33 9.95 2.27
N TRP C 61 2.52 9.18 1.16
CA TRP C 61 3.81 8.95 0.50
C TRP C 61 4.68 7.92 1.20
N SER C 62 4.26 7.39 2.35
CA SER C 62 5.12 6.42 3.04
C SER C 62 5.01 5.06 2.34
N PHE C 63 6.13 4.36 2.33
CA PHE C 63 6.23 3.08 1.62
C PHE C 63 5.74 1.92 2.42
N TYR C 64 5.40 0.84 1.74
CA TYR C 64 5.07 -0.43 2.37
C TYR C 64 5.58 -1.58 1.55
N LEU C 65 5.90 -2.67 2.22
CA LEU C 65 6.36 -3.94 1.62
C LEU C 65 5.88 -5.10 2.45
N LEU C 66 5.53 -6.20 1.80
CA LEU C 66 5.23 -7.45 2.44
C LEU C 66 6.33 -8.45 2.09
N TYR C 67 6.98 -9.01 3.11
CA TYR C 67 7.98 -10.09 2.97
C TYR C 67 7.28 -11.37 3.43
N TYR C 68 7.43 -12.49 2.73
CA TYR C 68 6.69 -13.69 3.07
C TYR C 68 7.42 -14.95 2.68
N THR C 69 7.13 -16.03 3.43
CA THR C 69 7.71 -17.34 3.13
C THR C 69 6.77 -18.41 3.61
N GLU C 70 6.74 -19.56 2.92
CA GLU C 70 5.93 -20.71 3.31
C GLU C 70 6.60 -21.31 4.54
N PHE C 71 5.81 -21.71 5.54
CA PHE C 71 6.32 -22.30 6.79
C PHE C 71 5.28 -23.23 7.37
N THR C 72 5.73 -24.18 8.19
CA THR C 72 4.85 -25.10 8.88
C THR C 72 5.12 -24.84 10.37
N PRO C 73 4.26 -24.09 11.10
CA PRO C 73 4.57 -23.80 12.51
C PRO C 73 4.51 -25.05 13.38
N THR C 74 5.31 -25.04 14.44
CA THR C 74 5.36 -26.11 15.45
C THR C 74 5.29 -25.41 16.81
N GLU C 75 5.10 -26.16 17.91
CA GLU C 75 5.02 -25.54 19.23
C GLU C 75 6.36 -24.94 19.72
N LYS C 76 7.49 -25.51 19.29
CA LYS C 76 8.83 -25.09 19.72
C LYS C 76 9.57 -24.09 18.83
N ASP C 77 9.31 -24.08 17.52
CA ASP C 77 10.01 -23.17 16.60
C ASP C 77 9.57 -21.73 16.79
N GLU C 78 10.56 -20.84 16.92
CA GLU C 78 10.39 -19.41 17.14
C GLU C 78 10.60 -18.71 15.82
N TYR C 79 9.69 -17.80 15.46
CA TYR C 79 9.83 -17.02 14.22
C TYR C 79 9.85 -15.57 14.57
N ALA C 80 10.55 -14.78 13.76
CA ALA C 80 10.65 -13.35 13.98
C ALA C 80 10.95 -12.65 12.64
N CYS C 81 10.84 -11.33 12.67
CA CYS C 81 11.22 -10.47 11.57
C CYS C 81 12.26 -9.50 12.08
N ARG C 82 13.34 -9.33 11.34
CA ARG C 82 14.44 -8.41 11.68
C ARG C 82 14.52 -7.32 10.61
N VAL C 83 14.40 -6.08 11.03
CA VAL C 83 14.34 -4.95 10.10
C VAL C 83 15.45 -3.94 10.36
N ASN C 84 16.07 -3.45 9.28
CA ASN C 84 17.00 -2.34 9.43
C ASN C 84 16.56 -1.26 8.45
N HIS C 85 16.73 -0.01 8.89
CA HIS C 85 16.35 1.17 8.11
C HIS C 85 17.23 2.31 8.60
N VAL C 86 17.46 3.32 7.75
CA VAL C 86 18.32 4.45 8.13
C VAL C 86 17.89 5.12 9.47
N THR C 87 16.60 5.08 9.78
CA THR C 87 16.06 5.65 11.01
C THR C 87 16.39 4.85 12.28
N LEU C 88 16.92 3.62 12.12
CA LEU C 88 17.21 2.76 13.27
C LEU C 88 18.70 2.64 13.54
N SER C 89 19.12 2.77 14.81
CA SER C 89 20.53 2.64 15.22
C SER C 89 21.00 1.20 15.13
N GLN C 90 20.08 0.26 15.41
CA GLN C 90 20.33 -1.17 15.41
C GLN C 90 19.14 -1.88 14.77
N PRO C 91 19.30 -3.10 14.23
CA PRO C 91 18.11 -3.82 13.71
C PRO C 91 17.03 -3.99 14.78
N LYS C 92 15.77 -3.95 14.37
CA LYS C 92 14.63 -4.13 15.25
C LYS C 92 14.10 -5.53 15.00
N ILE C 93 13.95 -6.33 16.05
CA ILE C 93 13.42 -7.68 15.93
C ILE C 93 12.03 -7.73 16.55
N VAL C 94 11.05 -8.22 15.78
CA VAL C 94 9.67 -8.41 16.21
C VAL C 94 9.37 -9.89 16.14
N LYS C 95 9.05 -10.46 17.30
CA LYS C 95 8.77 -11.88 17.36
C LYS C 95 7.37 -12.20 16.88
N TRP C 96 7.22 -13.35 16.22
CA TRP C 96 5.90 -13.82 15.82
C TRP C 96 5.16 -14.35 17.04
N ASP C 97 3.96 -13.82 17.25
CA ASP C 97 3.04 -14.18 18.32
C ASP C 97 1.74 -14.51 17.58
N ARG C 98 1.30 -15.78 17.65
CA ARG C 98 0.09 -16.26 16.96
C ARG C 98 -1.18 -15.45 17.26
N ASP C 99 -1.19 -14.73 18.39
CA ASP C 99 -2.33 -13.95 18.86
C ASP C 99 -2.21 -12.46 18.50
N MET C 100 -1.35 -12.11 17.49
CA MET C 100 -1.13 -10.72 17.06
C MET C 100 -1.01 -10.52 15.53
C ACT D . 15.01 0.98 -18.53
O ACT D . 14.92 -0.23 -18.33
OXT ACT D . 14.35 1.86 -17.93
CH3 ACT D . 16.02 1.38 -19.59
C ACT E . -4.28 -18.92 0.27
O ACT E . -3.22 -19.43 0.69
OXT ACT E . -5.20 -18.42 1.00
CH3 ACT E . -4.47 -18.88 -1.26
#